data_7SS1
#
_entry.id   7SS1
#
_cell.length_a   89.909
_cell.length_b   89.909
_cell.length_c   141.542
_cell.angle_alpha   90.000
_cell.angle_beta   90.000
_cell.angle_gamma   120.000
#
_symmetry.space_group_name_H-M   'P 65'
#
loop_
_entity.id
_entity.type
_entity.pdbx_description
1 polymer 'N-terminal Xaa-Pro-Lys N-methyltransferase 1'
2 non-polymer S-ADENOSYL-L-HOMOCYSTEINE
3 non-polymer '(1R,3S,4R)-1-azabicyclo[2.2.2]octan-3-yl {2-[2-(4-fluoro-3-hydroxyphenyl)-1,3-thiazol-4-yl]propan-2-yl}carbamate'
#
_entity_poly.entity_id   1
_entity_poly.type   'polypeptide(L)'
_entity_poly.pdbx_seq_one_letter_code
;MGSSHHHHHHSSGLVPRGSTSEVIEDEKQFYSKAKTYWKQIPPTVDGMLGGYGHISSIDINSSRKFLQRFLREGPNKTGT
SCALDCGAGIGRITKRLLLPLFREVDMVDITEDFLVQAKTYLGEEGKRVRNYFCCGLQDFTPEPDSYDVIWIQWVIGHLT
DQHLAEFLRRCKGSLRPNGIIVIKDNMAQEGVILDDVDSSVCRDLDVVRRIICSAGLSLLAEERQENLPDEIYHVYSFAL
R
;
_entity_poly.pdbx_strand_id   A,B
#
# COMPACT_ATOMS: atom_id res chain seq x y z
N GLU A 22 -24.16 -15.37 29.35
CA GLU A 22 -24.13 -16.65 30.04
C GLU A 22 -22.69 -17.09 30.27
N VAL A 23 -21.78 -16.64 29.41
CA VAL A 23 -20.37 -16.99 29.53
C VAL A 23 -19.55 -15.87 30.20
N ILE A 24 -20.22 -14.95 30.89
CA ILE A 24 -19.52 -13.88 31.60
C ILE A 24 -20.27 -13.60 32.90
N GLU A 25 -19.78 -14.14 34.01
CA GLU A 25 -20.33 -13.83 35.32
C GLU A 25 -19.69 -12.53 35.79
N ASP A 26 -20.46 -11.44 35.73
CA ASP A 26 -19.98 -10.09 36.05
C ASP A 26 -18.94 -9.69 34.99
N GLU A 27 -19.09 -8.49 34.44
CA GLU A 27 -18.18 -8.01 33.41
C GLU A 27 -16.97 -7.26 33.96
N LYS A 28 -17.09 -6.67 35.15
CA LYS A 28 -15.99 -5.95 35.76
C LYS A 28 -14.77 -6.85 35.93
N GLN A 29 -14.98 -8.07 36.42
CA GLN A 29 -13.87 -9.00 36.58
C GLN A 29 -13.36 -9.50 35.24
N PHE A 30 -14.22 -9.57 34.23
CA PHE A 30 -13.81 -10.04 32.90
C PHE A 30 -12.74 -9.13 32.31
N TYR A 31 -12.97 -7.82 32.35
CA TYR A 31 -12.00 -6.88 31.80
C TYR A 31 -10.77 -6.77 32.69
N SER A 32 -10.97 -6.67 34.00
CA SER A 32 -9.86 -6.47 34.92
C SER A 32 -8.89 -7.64 34.92
N LYS A 33 -9.36 -8.85 34.61
CA LYS A 33 -8.46 -9.99 34.59
C LYS A 33 -7.60 -10.01 33.33
N ALA A 34 -8.15 -9.56 32.20
CA ALA A 34 -7.39 -9.55 30.95
C ALA A 34 -6.38 -8.41 30.93
N LYS A 35 -6.74 -7.24 31.47
CA LYS A 35 -5.81 -6.13 31.50
C LYS A 35 -4.58 -6.46 32.34
N THR A 36 -4.79 -7.12 33.48
CA THR A 36 -3.66 -7.56 34.29
C THR A 36 -2.81 -8.58 33.54
N TYR A 37 -3.46 -9.46 32.76
CA TYR A 37 -2.72 -10.45 31.99
C TYR A 37 -1.74 -9.78 31.03
N TRP A 38 -2.20 -8.77 30.30
CA TRP A 38 -1.34 -8.17 29.29
C TRP A 38 -0.28 -7.23 29.88
N LYS A 39 -0.35 -6.87 31.16
CA LYS A 39 0.76 -6.13 31.77
C LYS A 39 2.02 -6.98 31.85
N GLN A 40 1.87 -8.27 32.12
CA GLN A 40 3.01 -9.15 32.34
C GLN A 40 3.45 -9.89 31.07
N ILE A 41 3.19 -9.32 29.91
CA ILE A 41 3.57 -9.94 28.63
C ILE A 41 4.71 -9.13 28.03
N PRO A 42 5.77 -9.78 27.55
CA PRO A 42 6.90 -9.04 27.01
C PRO A 42 6.52 -8.32 25.73
N PRO A 43 6.90 -7.04 25.60
CA PRO A 43 6.57 -6.28 24.39
C PRO A 43 7.32 -6.75 23.15
N THR A 44 7.21 -8.04 22.83
CA THR A 44 7.80 -8.62 21.64
C THR A 44 6.68 -9.11 20.72
N VAL A 45 7.02 -9.24 19.43
CA VAL A 45 6.07 -9.81 18.47
C VAL A 45 5.58 -11.17 18.93
N ASP A 46 6.49 -11.98 19.48
CA ASP A 46 6.11 -13.31 19.95
C ASP A 46 5.15 -13.23 21.13
N GLY A 47 5.22 -12.17 21.93
CA GLY A 47 4.27 -11.97 23.01
C GLY A 47 2.93 -11.45 22.55
N MET A 48 2.88 -10.77 21.41
CA MET A 48 1.62 -10.27 20.87
C MET A 48 0.74 -11.41 20.39
N LEU A 49 1.33 -12.52 19.96
CA LEU A 49 0.59 -13.62 19.34
C LEU A 49 0.59 -14.87 20.22
N GLY A 50 0.85 -14.72 21.51
CA GLY A 50 0.82 -15.87 22.42
C GLY A 50 1.87 -16.91 22.11
N GLY A 51 3.04 -16.50 21.62
CA GLY A 51 4.09 -17.44 21.29
C GLY A 51 3.97 -18.04 19.90
N TYR A 52 3.44 -17.29 18.95
CA TYR A 52 3.29 -17.73 17.57
C TYR A 52 3.78 -16.68 16.60
N GLY A 53 4.86 -15.98 16.96
CA GLY A 53 5.39 -14.91 16.13
C GLY A 53 5.88 -15.35 14.76
N HIS A 54 6.05 -16.66 14.55
CA HIS A 54 6.50 -17.17 13.26
C HIS A 54 5.42 -17.06 12.19
N ILE A 55 4.15 -16.88 12.58
CA ILE A 55 3.06 -16.76 11.61
C ILE A 55 2.81 -15.31 11.21
N SER A 56 3.56 -14.35 11.78
CA SER A 56 3.31 -12.95 11.48
C SER A 56 3.47 -12.64 10.00
N SER A 57 4.44 -13.28 9.34
CA SER A 57 4.63 -13.05 7.92
CA SER A 57 4.63 -13.06 7.92
C SER A 57 3.46 -13.61 7.10
N ILE A 58 2.93 -14.76 7.52
CA ILE A 58 1.80 -15.34 6.80
C ILE A 58 0.56 -14.47 6.96
N ASP A 59 0.33 -13.96 8.18
CA ASP A 59 -0.82 -13.11 8.43
C ASP A 59 -0.77 -11.83 7.58
N ILE A 60 0.35 -11.10 7.66
CA ILE A 60 0.45 -9.80 7.01
C ILE A 60 0.20 -9.91 5.51
N ASN A 61 0.80 -10.93 4.88
CA ASN A 61 0.70 -11.05 3.43
C ASN A 61 -0.73 -11.34 2.98
N SER A 62 -1.46 -12.15 3.75
CA SER A 62 -2.87 -12.40 3.41
C SER A 62 -3.71 -11.17 3.69
N SER A 63 -3.44 -10.47 4.79
CA SER A 63 -4.09 -9.18 5.03
C SER A 63 -3.77 -8.17 3.94
N ARG A 64 -2.58 -8.25 3.35
CA ARG A 64 -2.24 -7.36 2.24
C ARG A 64 -3.10 -7.67 1.02
N LYS A 65 -3.30 -8.95 0.72
CA LYS A 65 -4.13 -9.33 -0.42
C LYS A 65 -5.60 -9.00 -0.17
N PHE A 66 -6.10 -9.38 1.00
CA PHE A 66 -7.49 -9.10 1.37
C PHE A 66 -7.81 -7.62 1.36
N LEU A 67 -6.80 -6.76 1.54
CA LEU A 67 -7.05 -5.32 1.60
C LEU A 67 -7.06 -4.67 0.22
N GLN A 68 -6.39 -5.28 -0.77
CA GLN A 68 -6.41 -4.73 -2.12
C GLN A 68 -7.79 -4.75 -2.74
N ARG A 69 -8.68 -5.62 -2.25
CA ARG A 69 -10.04 -5.67 -2.76
C ARG A 69 -10.70 -4.30 -2.75
N PHE A 70 -10.35 -3.47 -1.77
CA PHE A 70 -10.91 -2.15 -1.60
C PHE A 70 -9.96 -1.03 -1.96
N LEU A 71 -8.66 -1.31 -2.07
CA LEU A 71 -7.67 -0.30 -2.44
C LEU A 71 -7.48 -0.15 -3.94
N ARG A 72 -7.71 -1.20 -4.71
CA ARG A 72 -7.52 -1.11 -6.15
C ARG A 72 -8.63 -0.28 -6.79
N GLU A 73 -8.44 0.06 -8.06
CA GLU A 73 -9.41 0.84 -8.80
C GLU A 73 -10.78 0.17 -8.81
N GLY A 74 -11.83 0.97 -9.02
CA GLY A 74 -13.17 0.48 -8.99
C GLY A 74 -14.20 1.56 -8.68
N PRO A 75 -15.43 1.14 -8.41
CA PRO A 75 -16.51 2.11 -8.12
C PRO A 75 -16.32 2.86 -6.81
N ASN A 76 -16.06 2.14 -5.73
CA ASN A 76 -15.95 2.74 -4.39
C ASN A 76 -14.54 2.48 -3.87
N LYS A 77 -13.60 3.28 -4.33
CA LYS A 77 -12.20 3.10 -3.93
C LYS A 77 -11.99 3.60 -2.51
N THR A 78 -11.35 2.77 -1.68
CA THR A 78 -11.03 3.17 -0.32
C THR A 78 -9.76 4.02 -0.30
N GLY A 79 -9.80 5.11 0.48
CA GLY A 79 -8.68 6.01 0.52
C GLY A 79 -7.48 5.44 1.26
N THR A 80 -6.37 6.17 1.18
CA THR A 80 -5.13 5.78 1.84
C THR A 80 -4.59 6.91 2.71
N SER A 81 -5.46 7.80 3.19
CA SER A 81 -5.00 8.96 3.95
C SER A 81 -4.69 8.60 5.40
N CYS A 82 -5.56 7.84 6.06
CA CYS A 82 -5.37 7.54 7.47
C CYS A 82 -6.02 6.22 7.82
N ALA A 83 -5.44 5.55 8.81
CA ALA A 83 -5.93 4.26 9.27
C ALA A 83 -5.82 4.19 10.79
N LEU A 84 -6.57 3.26 11.37
CA LEU A 84 -6.63 3.08 12.82
C LEU A 84 -6.41 1.61 13.13
N ASP A 85 -5.41 1.31 13.94
CA ASP A 85 -5.10 -0.06 14.36
C ASP A 85 -5.67 -0.26 15.76
N CYS A 86 -6.56 -1.23 15.90
CA CYS A 86 -7.20 -1.53 17.18
C CYS A 86 -6.55 -2.76 17.79
N GLY A 87 -6.14 -2.64 19.04
CA GLY A 87 -5.28 -3.63 19.65
C GLY A 87 -3.84 -3.23 19.46
N ALA A 88 -3.35 -3.35 18.22
CA ALA A 88 -2.05 -2.84 17.82
C ALA A 88 -0.90 -3.44 18.62
N GLY A 89 -0.92 -3.23 19.94
CA GLY A 89 0.21 -3.67 20.74
C GLY A 89 1.42 -2.82 20.46
N ILE A 90 2.53 -3.47 20.13
CA ILE A 90 3.75 -2.75 19.75
C ILE A 90 3.74 -2.31 18.29
N GLY A 91 2.65 -2.56 17.56
CA GLY A 91 2.55 -2.12 16.19
C GLY A 91 2.97 -3.14 15.16
N ARG A 92 2.75 -4.42 15.43
CA ARG A 92 3.08 -5.48 14.46
C ARG A 92 2.39 -5.25 13.13
N ILE A 93 1.08 -5.01 13.16
CA ILE A 93 0.34 -4.75 11.92
C ILE A 93 0.53 -3.31 11.45
N THR A 94 0.72 -2.37 12.38
CA THR A 94 0.96 -1.00 11.97
C THR A 94 2.27 -0.86 11.20
N LYS A 95 3.29 -1.64 11.58
CA LYS A 95 4.60 -1.55 10.92
C LYS A 95 4.61 -2.22 9.55
N ARG A 96 4.11 -3.45 9.47
CA ARG A 96 4.25 -4.23 8.25
C ARG A 96 3.15 -3.98 7.23
N LEU A 97 1.92 -3.72 7.66
CA LEU A 97 0.78 -3.64 6.75
C LEU A 97 0.31 -2.22 6.51
N LEU A 98 0.08 -1.45 7.58
CA LEU A 98 -0.60 -0.16 7.46
C LEU A 98 0.32 0.99 7.09
N LEU A 99 1.41 1.18 7.82
CA LEU A 99 2.31 2.30 7.54
C LEU A 99 2.85 2.32 6.12
N PRO A 100 3.17 1.19 5.47
CA PRO A 100 3.57 1.28 4.05
C PRO A 100 2.47 1.81 3.14
N LEU A 101 1.21 1.60 3.48
CA LEU A 101 0.10 1.89 2.57
C LEU A 101 -0.59 3.22 2.84
N PHE A 102 -0.54 3.74 4.06
CA PHE A 102 -1.24 4.96 4.42
C PHE A 102 -0.26 6.04 4.88
N ARG A 103 -0.68 7.31 4.74
CA ARG A 103 0.16 8.41 5.19
C ARG A 103 0.28 8.45 6.70
N GLU A 104 -0.85 8.51 7.40
CA GLU A 104 -0.86 8.57 8.84
C GLU A 104 -1.59 7.35 9.39
N VAL A 105 -1.19 6.92 10.58
CA VAL A 105 -1.81 5.78 11.25
C VAL A 105 -1.97 6.13 12.72
N ASP A 106 -3.15 5.83 13.26
CA ASP A 106 -3.39 5.96 14.69
C ASP A 106 -3.43 4.56 15.31
N MET A 107 -3.01 4.48 16.56
CA MET A 107 -2.96 3.23 17.30
C MET A 107 -3.76 3.39 18.59
N VAL A 108 -4.42 2.32 19.00
CA VAL A 108 -5.20 2.32 20.23
C VAL A 108 -4.99 0.97 20.92
N ASP A 109 -4.76 1.01 22.22
CA ASP A 109 -4.52 -0.18 23.03
C ASP A 109 -4.79 0.17 24.48
N ILE A 110 -4.96 -0.87 25.29
CA ILE A 110 -5.26 -0.68 26.71
C ILE A 110 -3.99 -0.75 27.56
N THR A 111 -2.89 -1.27 27.01
CA THR A 111 -1.64 -1.48 27.75
C THR A 111 -0.62 -0.41 27.35
N GLU A 112 -0.35 0.52 28.27
CA GLU A 112 0.54 1.63 27.96
C GLU A 112 1.94 1.16 27.57
N ASP A 113 2.41 0.07 28.20
CA ASP A 113 3.77 -0.42 27.94
C ASP A 113 3.97 -0.73 26.46
N PHE A 114 2.97 -1.34 25.82
CA PHE A 114 3.11 -1.71 24.41
C PHE A 114 3.18 -0.48 23.52
N LEU A 115 2.41 0.56 23.85
CA LEU A 115 2.46 1.79 23.07
C LEU A 115 3.80 2.50 23.23
N VAL A 116 4.36 2.49 24.44
CA VAL A 116 5.68 3.07 24.66
C VAL A 116 6.73 2.30 23.85
N GLN A 117 6.71 0.97 23.94
CA GLN A 117 7.65 0.15 23.19
C GLN A 117 7.44 0.25 21.68
N ALA A 118 6.25 0.68 21.25
CA ALA A 118 6.01 0.81 19.81
C ALA A 118 6.89 1.89 19.20
N LYS A 119 7.21 2.94 19.96
CA LYS A 119 8.08 3.99 19.44
CA LYS A 119 8.09 3.99 19.45
C LYS A 119 9.46 3.45 19.07
N THR A 120 9.88 2.34 19.67
CA THR A 120 11.16 1.70 19.34
C THR A 120 10.99 0.62 18.28
N TYR A 121 9.96 -0.21 18.41
CA TYR A 121 9.74 -1.29 17.44
C TYR A 121 9.47 -0.73 16.05
N LEU A 122 8.69 0.35 15.95
CA LEU A 122 8.34 0.89 14.64
C LEU A 122 9.54 1.52 13.96
N GLY A 123 10.35 2.27 14.72
CA GLY A 123 11.58 2.83 14.17
C GLY A 123 11.40 4.16 13.49
N GLU A 124 12.12 4.37 12.39
CA GLU A 124 12.08 5.64 11.69
C GLU A 124 10.68 5.93 11.16
N GLU A 125 9.97 4.90 10.69
CA GLU A 125 8.63 5.08 10.14
C GLU A 125 7.59 5.35 11.22
N GLY A 126 7.87 4.98 12.47
CA GLY A 126 6.96 5.27 13.57
C GLY A 126 6.67 6.75 13.77
N LYS A 127 7.45 7.64 13.14
CA LYS A 127 7.18 9.07 13.22
C LYS A 127 5.91 9.45 12.47
N ARG A 128 5.46 8.63 11.52
CA ARG A 128 4.20 8.88 10.84
C ARG A 128 2.99 8.38 11.62
N VAL A 129 3.20 7.60 12.69
CA VAL A 129 2.12 7.25 13.60
C VAL A 129 1.64 8.53 14.25
N ARG A 130 0.41 8.91 13.98
CA ARG A 130 -0.08 10.23 14.35
C ARG A 130 -0.46 10.29 15.83
N ASN A 131 -1.22 9.30 16.31
CA ASN A 131 -1.70 9.32 17.69
C ASN A 131 -1.52 7.94 18.32
N TYR A 132 -1.26 7.95 19.63
CA TYR A 132 -1.29 6.75 20.46
C TYR A 132 -2.38 6.93 21.49
N PHE A 133 -3.40 6.09 21.44
CA PHE A 133 -4.49 6.12 22.41
C PHE A 133 -4.31 4.97 23.38
N CYS A 134 -4.41 5.27 24.67
CA CYS A 134 -4.24 4.28 25.73
C CYS A 134 -5.55 4.19 26.52
N CYS A 135 -6.44 3.33 26.04
CA CYS A 135 -7.68 3.03 26.74
C CYS A 135 -8.33 1.84 26.05
N GLY A 136 -9.31 1.24 26.72
CA GLY A 136 -9.98 0.08 26.16
C GLY A 136 -10.96 0.45 25.06
N LEU A 137 -11.20 -0.51 24.16
CA LEU A 137 -12.15 -0.29 23.07
C LEU A 137 -13.54 -0.02 23.61
N GLN A 138 -13.91 -0.64 24.73
CA GLN A 138 -15.23 -0.40 25.32
C GLN A 138 -15.41 1.05 25.75
N ASP A 139 -14.32 1.82 25.86
CA ASP A 139 -14.37 3.23 26.19
C ASP A 139 -13.85 4.15 25.08
N PHE A 140 -13.30 3.59 24.00
CA PHE A 140 -12.66 4.39 22.96
C PHE A 140 -13.69 4.85 21.94
N THR A 141 -13.59 6.13 21.57
CA THR A 141 -14.49 6.73 20.58
C THR A 141 -13.68 7.41 19.49
N PRO A 142 -13.47 6.75 18.35
CA PRO A 142 -12.71 7.38 17.27
C PRO A 142 -13.42 8.61 16.74
N GLU A 143 -12.64 9.62 16.35
CA GLU A 143 -13.22 10.86 15.86
C GLU A 143 -13.98 10.62 14.57
N PRO A 144 -15.10 11.30 14.36
CA PRO A 144 -15.88 11.08 13.14
C PRO A 144 -15.15 11.55 11.89
N ASP A 145 -15.44 10.88 10.76
CA ASP A 145 -14.91 11.26 9.45
C ASP A 145 -13.38 11.33 9.46
N SER A 146 -12.75 10.28 10.00
CA SER A 146 -11.33 10.33 10.27
C SER A 146 -10.52 9.26 9.55
N TYR A 147 -11.01 8.02 9.48
CA TYR A 147 -10.21 6.90 9.00
C TYR A 147 -10.78 6.32 7.72
N ASP A 148 -9.88 5.89 6.83
CA ASP A 148 -10.25 5.15 5.64
C ASP A 148 -10.33 3.64 5.90
N VAL A 149 -9.54 3.15 6.85
CA VAL A 149 -9.54 1.74 7.23
C VAL A 149 -9.40 1.68 8.75
N ILE A 150 -10.25 0.88 9.39
CA ILE A 150 -10.19 0.66 10.83
C ILE A 150 -9.90 -0.82 11.04
N TRP A 151 -8.64 -1.15 11.35
CA TRP A 151 -8.22 -2.54 11.47
C TRP A 151 -8.37 -3.02 12.91
N ILE A 152 -9.10 -4.12 13.08
CA ILE A 152 -9.37 -4.72 14.38
C ILE A 152 -8.99 -6.19 14.28
N GLN A 153 -7.81 -6.53 14.78
CA GLN A 153 -7.30 -7.90 14.65
C GLN A 153 -6.93 -8.45 16.01
N TRP A 154 -7.49 -9.62 16.33
CA TRP A 154 -7.15 -10.40 17.51
C TRP A 154 -7.26 -9.56 18.78
N VAL A 155 -8.51 -9.22 19.12
CA VAL A 155 -8.79 -8.40 20.29
C VAL A 155 -10.28 -8.47 20.64
N ILE A 156 -11.12 -8.88 19.67
CA ILE A 156 -12.55 -8.86 19.92
C ILE A 156 -12.97 -9.87 20.98
N GLY A 157 -12.14 -10.88 21.25
CA GLY A 157 -12.45 -11.83 22.30
C GLY A 157 -12.36 -11.27 23.70
N HIS A 158 -11.87 -10.04 23.85
CA HIS A 158 -11.78 -9.39 25.15
C HIS A 158 -12.94 -8.45 25.43
N LEU A 159 -13.83 -8.25 24.47
CA LEU A 159 -15.00 -7.40 24.64
C LEU A 159 -16.25 -8.26 24.83
N THR A 160 -17.22 -7.71 25.55
CA THR A 160 -18.52 -8.34 25.66
C THR A 160 -19.31 -8.18 24.36
N ASP A 161 -20.32 -9.02 24.19
CA ASP A 161 -21.14 -8.96 22.98
C ASP A 161 -21.79 -7.60 22.78
N GLN A 162 -22.15 -6.92 23.87
CA GLN A 162 -22.79 -5.62 23.73
C GLN A 162 -21.76 -4.52 23.50
N HIS A 163 -20.62 -4.59 24.18
CA HIS A 163 -19.58 -3.59 23.97
C HIS A 163 -19.01 -3.69 22.56
N LEU A 164 -18.86 -4.91 22.04
CA LEU A 164 -18.37 -5.08 20.67
C LEU A 164 -19.33 -4.47 19.66
N ALA A 165 -20.63 -4.62 19.89
CA ALA A 165 -21.61 -4.02 18.99
C ALA A 165 -21.62 -2.50 19.11
N GLU A 166 -21.57 -1.98 20.34
CA GLU A 166 -21.50 -0.54 20.53
C GLU A 166 -20.23 0.03 19.93
N PHE A 167 -19.11 -0.67 20.07
CA PHE A 167 -17.85 -0.20 19.49
C PHE A 167 -17.92 -0.15 17.97
N LEU A 168 -18.39 -1.23 17.35
CA LEU A 168 -18.54 -1.23 15.90
C LEU A 168 -19.51 -0.16 15.43
N ARG A 169 -20.52 0.14 16.24
CA ARG A 169 -21.43 1.24 15.91
C ARG A 169 -20.70 2.57 15.90
N ARG A 170 -19.79 2.78 16.85
CA ARG A 170 -19.01 4.01 16.88
C ARG A 170 -18.02 4.09 15.73
N CYS A 171 -17.43 2.95 15.36
CA CYS A 171 -16.47 2.95 14.25
C CYS A 171 -17.13 3.33 12.93
N LYS A 172 -18.42 2.98 12.76
CA LYS A 172 -19.11 3.33 11.53
C LYS A 172 -19.15 4.84 11.32
N GLY A 173 -19.33 5.59 12.40
CA GLY A 173 -19.37 7.04 12.29
C GLY A 173 -18.03 7.71 12.12
N SER A 174 -16.94 6.99 12.34
CA SER A 174 -15.60 7.53 12.17
C SER A 174 -15.04 7.26 10.78
N LEU A 175 -15.74 6.48 9.96
CA LEU A 175 -15.26 6.16 8.62
C LEU A 175 -15.41 7.35 7.69
N ARG A 176 -14.43 7.53 6.81
CA ARG A 176 -14.53 8.47 5.72
C ARG A 176 -15.35 7.85 4.60
N PRO A 177 -15.77 8.65 3.62
CA PRO A 177 -16.46 8.09 2.45
C PRO A 177 -15.67 6.96 1.82
N ASN A 178 -16.36 5.85 1.53
CA ASN A 178 -15.82 4.61 1.00
C ASN A 178 -14.94 3.87 2.01
N GLY A 179 -14.83 4.35 3.25
CA GLY A 179 -14.02 3.68 4.24
C GLY A 179 -14.61 2.34 4.65
N ILE A 180 -13.74 1.46 5.15
CA ILE A 180 -14.14 0.11 5.55
C ILE A 180 -13.67 -0.17 6.97
N ILE A 181 -14.29 -1.19 7.57
CA ILE A 181 -13.89 -1.74 8.85
C ILE A 181 -13.52 -3.20 8.64
N VAL A 182 -12.36 -3.62 9.15
CA VAL A 182 -11.88 -4.97 8.96
C VAL A 182 -11.74 -5.64 10.33
N ILE A 183 -12.31 -6.84 10.45
CA ILE A 183 -12.22 -7.65 11.66
C ILE A 183 -11.56 -8.97 11.28
N LYS A 184 -10.41 -9.26 11.88
CA LYS A 184 -9.67 -10.49 11.64
C LYS A 184 -9.36 -11.12 13.00
N ASP A 185 -10.16 -12.11 13.39
CA ASP A 185 -10.04 -12.70 14.72
C ASP A 185 -10.39 -14.17 14.65
N ASN A 186 -10.42 -14.81 15.83
CA ASN A 186 -10.60 -16.25 15.94
C ASN A 186 -12.07 -16.63 15.91
N MET A 187 -12.36 -17.75 15.25
CA MET A 187 -13.72 -18.26 15.12
C MET A 187 -13.77 -19.71 15.58
N ALA A 188 -14.72 -20.01 16.47
CA ALA A 188 -14.89 -21.37 16.96
C ALA A 188 -15.72 -22.21 15.99
N GLN A 189 -15.49 -23.53 16.06
CA GLN A 189 -16.20 -24.48 15.19
C GLN A 189 -17.63 -24.73 15.67
N GLU A 190 -17.83 -24.84 16.97
CA GLU A 190 -19.14 -25.18 17.51
C GLU A 190 -19.21 -24.68 18.95
N GLY A 191 -19.94 -23.59 19.17
CA GLY A 191 -20.14 -23.08 20.51
C GLY A 191 -19.18 -21.95 20.82
N VAL A 192 -19.29 -21.42 22.04
CA VAL A 192 -18.40 -20.39 22.52
C VAL A 192 -17.32 -21.06 23.39
N ILE A 193 -16.06 -20.80 23.05
CA ILE A 193 -14.93 -21.38 23.77
C ILE A 193 -14.37 -20.33 24.73
N LEU A 194 -14.37 -20.66 26.01
CA LEU A 194 -13.89 -19.78 27.08
C LEU A 194 -12.42 -20.02 27.43
N ASP A 195 -11.60 -19.00 27.25
CA ASP A 195 -10.16 -19.06 27.55
C ASP A 195 -9.88 -18.17 28.76
N ASP A 196 -9.96 -18.73 29.97
CA ASP A 196 -9.65 -17.98 31.18
CA ASP A 196 -9.64 -17.98 31.17
C ASP A 196 -8.15 -17.83 31.40
N VAL A 197 -7.30 -18.39 30.53
CA VAL A 197 -5.86 -18.18 30.65
C VAL A 197 -5.53 -16.71 30.43
N ASP A 198 -6.10 -16.12 29.38
CA ASP A 198 -5.92 -14.70 29.10
C ASP A 198 -7.22 -13.93 29.17
N SER A 199 -8.27 -14.53 29.74
CA SER A 199 -9.57 -13.88 29.93
C SER A 199 -10.14 -13.37 28.61
N SER A 200 -10.48 -14.33 27.75
CA SER A 200 -11.06 -14.01 26.45
C SER A 200 -12.05 -15.10 26.06
N VAL A 201 -13.04 -14.70 25.26
CA VAL A 201 -14.02 -15.63 24.71
C VAL A 201 -13.77 -15.75 23.22
N CYS A 202 -13.93 -16.96 22.69
CA CYS A 202 -13.89 -17.20 21.26
C CYS A 202 -15.29 -17.54 20.81
N ARG A 203 -15.72 -16.93 19.71
CA ARG A 203 -17.07 -17.09 19.20
C ARG A 203 -17.05 -17.82 17.87
N ASP A 204 -18.22 -18.27 17.46
CA ASP A 204 -18.41 -18.88 16.16
C ASP A 204 -18.92 -17.83 15.17
N LEU A 205 -18.80 -18.16 13.88
CA LEU A 205 -19.16 -17.22 12.81
C LEU A 205 -20.55 -16.65 12.99
N ASP A 206 -21.48 -17.43 13.54
CA ASP A 206 -22.86 -16.99 13.65
C ASP A 206 -23.00 -15.81 14.61
N VAL A 207 -22.46 -15.92 15.82
CA VAL A 207 -22.61 -14.85 16.80
C VAL A 207 -21.88 -13.60 16.34
N VAL A 208 -20.73 -13.76 15.69
CA VAL A 208 -19.99 -12.60 15.20
C VAL A 208 -20.81 -11.87 14.14
N ARG A 209 -21.33 -12.61 13.16
CA ARG A 209 -22.13 -11.98 12.10
C ARG A 209 -23.39 -11.34 12.65
N ARG A 210 -23.99 -11.92 13.70
CA ARG A 210 -25.13 -11.28 14.34
C ARG A 210 -24.74 -9.95 14.98
N ILE A 211 -23.60 -9.92 15.67
CA ILE A 211 -23.12 -8.69 16.28
C ILE A 211 -22.80 -7.66 15.21
N ILE A 212 -22.16 -8.10 14.12
CA ILE A 212 -21.85 -7.20 13.02
C ILE A 212 -23.12 -6.58 12.46
N CYS A 213 -24.11 -7.42 12.16
CA CYS A 213 -25.36 -6.92 11.60
C CYS A 213 -26.12 -6.06 12.61
N SER A 214 -25.95 -6.33 13.90
CA SER A 214 -26.64 -5.57 14.94
C SER A 214 -26.08 -4.16 15.10
N ALA A 215 -24.89 -3.88 14.58
CA ALA A 215 -24.32 -2.54 14.61
C ALA A 215 -24.72 -1.71 13.41
N GLY A 216 -25.41 -2.29 12.43
CA GLY A 216 -25.81 -1.57 11.24
C GLY A 216 -24.78 -1.57 10.15
N LEU A 217 -23.94 -2.61 10.07
CA LEU A 217 -22.86 -2.69 9.11
C LEU A 217 -23.19 -3.73 8.05
N SER A 218 -22.59 -3.56 6.87
CA SER A 218 -22.81 -4.46 5.76
C SER A 218 -21.63 -5.40 5.59
N LEU A 219 -21.92 -6.66 5.26
CA LEU A 219 -20.86 -7.61 4.94
C LEU A 219 -20.43 -7.38 3.51
N LEU A 220 -19.14 -7.06 3.32
CA LEU A 220 -18.60 -6.83 2.00
C LEU A 220 -17.75 -8.00 1.51
N ALA A 221 -17.02 -8.65 2.41
CA ALA A 221 -16.19 -9.78 2.07
C ALA A 221 -15.92 -10.58 3.32
N GLU A 222 -15.77 -11.89 3.15
CA GLU A 222 -15.42 -12.78 4.26
C GLU A 222 -14.47 -13.84 3.74
N GLU A 223 -13.29 -13.91 4.33
CA GLU A 223 -12.23 -14.80 3.89
C GLU A 223 -11.59 -15.45 5.11
N ARG A 224 -11.15 -16.69 4.96
CA ARG A 224 -10.55 -17.46 6.03
C ARG A 224 -9.05 -17.60 5.78
N GLN A 225 -8.25 -17.35 6.80
CA GLN A 225 -6.80 -17.49 6.69
C GLN A 225 -6.42 -18.95 6.57
N GLU A 226 -5.64 -19.27 5.55
CA GLU A 226 -5.11 -20.62 5.38
C GLU A 226 -3.66 -20.64 5.86
N ASN A 227 -2.98 -21.76 5.64
CA ASN A 227 -1.58 -21.92 6.03
C ASN A 227 -1.38 -21.60 7.51
N LEU A 228 -2.17 -22.27 8.35
CA LEU A 228 -2.07 -22.03 9.78
C LEU A 228 -1.96 -23.34 10.53
N PRO A 229 -1.26 -23.33 11.67
CA PRO A 229 -1.19 -24.53 12.52
C PRO A 229 -2.56 -24.96 12.99
N ASP A 230 -2.73 -26.27 13.15
CA ASP A 230 -4.00 -26.85 13.54
C ASP A 230 -4.28 -26.76 15.03
N GLU A 231 -3.36 -26.19 15.81
CA GLU A 231 -3.59 -26.03 17.24
C GLU A 231 -4.29 -24.72 17.56
N ILE A 232 -4.13 -23.69 16.72
CA ILE A 232 -4.75 -22.40 16.94
C ILE A 232 -6.16 -22.41 16.36
N TYR A 233 -6.97 -21.42 16.72
CA TYR A 233 -8.34 -21.33 16.24
C TYR A 233 -8.38 -21.02 14.76
N HIS A 234 -9.57 -21.17 14.17
CA HIS A 234 -9.78 -20.71 12.81
C HIS A 234 -9.84 -19.18 12.79
N VAL A 235 -9.24 -18.58 11.77
CA VAL A 235 -9.15 -17.13 11.67
C VAL A 235 -9.89 -16.67 10.42
N TYR A 236 -10.79 -15.73 10.58
CA TYR A 236 -11.59 -15.17 9.50
C TYR A 236 -11.43 -13.66 9.46
N SER A 237 -11.53 -13.09 8.26
CA SER A 237 -11.48 -11.65 8.05
C SER A 237 -12.81 -11.17 7.50
N PHE A 238 -13.33 -10.09 8.06
CA PHE A 238 -14.59 -9.49 7.63
C PHE A 238 -14.34 -8.05 7.21
N ALA A 239 -14.88 -7.68 6.06
CA ALA A 239 -14.80 -6.31 5.56
C ALA A 239 -16.17 -5.68 5.70
N LEU A 240 -16.24 -4.58 6.45
CA LEU A 240 -17.50 -3.96 6.82
C LEU A 240 -17.49 -2.48 6.48
N ARG A 241 -18.68 -1.93 6.27
CA ARG A 241 -18.87 -0.49 6.15
C ARG A 241 -20.35 -0.13 6.31
N SER B 21 7.32 20.54 -2.49
CA SER B 21 6.80 20.87 -1.17
C SER B 21 6.95 22.36 -0.88
N GLU B 22 8.05 22.95 -1.36
CA GLU B 22 8.33 24.37 -1.19
C GLU B 22 8.27 25.16 -2.49
N VAL B 23 8.49 24.51 -3.63
CA VAL B 23 8.44 25.15 -4.94
C VAL B 23 7.09 24.86 -5.57
N ILE B 24 6.09 24.61 -4.73
CA ILE B 24 4.73 24.27 -5.15
C ILE B 24 3.78 25.01 -4.21
N GLU B 25 3.11 26.04 -4.72
CA GLU B 25 2.20 26.82 -3.88
C GLU B 25 0.90 26.07 -3.63
N ASP B 26 0.19 25.69 -4.69
CA ASP B 26 -1.06 24.95 -4.56
C ASP B 26 -0.86 23.53 -5.06
N GLU B 27 -1.36 22.56 -4.28
CA GLU B 27 -1.25 21.16 -4.67
C GLU B 27 -2.43 20.71 -5.51
N LYS B 28 -3.62 21.25 -5.24
CA LYS B 28 -4.78 20.95 -6.07
C LYS B 28 -4.60 21.49 -7.49
N GLN B 29 -4.12 22.74 -7.60
CA GLN B 29 -3.92 23.36 -8.90
C GLN B 29 -2.75 22.73 -9.64
N PHE B 30 -1.77 22.19 -8.91
CA PHE B 30 -0.62 21.55 -9.54
C PHE B 30 -1.04 20.36 -10.38
N TYR B 31 -1.88 19.48 -9.82
CA TYR B 31 -2.31 18.30 -10.56
C TYR B 31 -3.32 18.65 -11.65
N SER B 32 -4.30 19.50 -11.34
CA SER B 32 -5.34 19.81 -12.31
C SER B 32 -4.78 20.54 -13.53
N LYS B 33 -3.69 21.27 -13.37
CA LYS B 33 -3.09 21.97 -14.50
C LYS B 33 -2.33 21.01 -15.40
N ALA B 34 -1.69 20.00 -14.82
CA ALA B 34 -0.94 19.04 -15.62
C ALA B 34 -1.86 18.06 -16.32
N LYS B 35 -2.95 17.64 -15.65
CA LYS B 35 -3.89 16.74 -16.28
C LYS B 35 -4.55 17.36 -17.50
N THR B 36 -4.88 18.66 -17.42
CA THR B 36 -5.44 19.35 -18.57
C THR B 36 -4.43 19.44 -19.70
N TYR B 37 -3.14 19.60 -19.38
CA TYR B 37 -2.10 19.71 -20.39
C TYR B 37 -2.06 18.50 -21.31
N TRP B 38 -2.01 17.30 -20.71
CA TRP B 38 -1.87 16.08 -21.48
C TRP B 38 -3.15 15.67 -22.18
N LYS B 39 -4.26 16.29 -21.82
CA LYS B 39 -5.53 16.04 -22.49
C LYS B 39 -5.49 16.52 -23.94
N GLN B 40 -4.84 17.65 -24.19
CA GLN B 40 -4.76 18.29 -25.49
C GLN B 40 -3.48 17.94 -26.25
N ILE B 41 -2.87 16.79 -25.96
CA ILE B 41 -1.62 16.37 -26.58
C ILE B 41 -1.94 15.20 -27.49
N PRO B 42 -1.41 15.18 -28.72
CA PRO B 42 -1.77 14.11 -29.67
C PRO B 42 -1.26 12.76 -29.20
N PRO B 43 -2.11 11.72 -29.25
CA PRO B 43 -1.66 10.38 -28.84
C PRO B 43 -0.64 9.77 -29.79
N THR B 44 0.44 10.48 -30.04
CA THR B 44 1.54 9.99 -30.86
C THR B 44 2.79 9.84 -30.00
N VAL B 45 3.71 9.00 -30.48
CA VAL B 45 5.00 8.85 -29.80
C VAL B 45 5.68 10.21 -29.66
N ASP B 46 5.58 11.06 -30.69
CA ASP B 46 6.18 12.38 -30.62
C ASP B 46 5.49 13.25 -29.57
N GLY B 47 4.21 12.99 -29.30
CA GLY B 47 3.52 13.69 -28.23
C GLY B 47 3.84 13.20 -26.85
N MET B 48 4.28 11.94 -26.72
CA MET B 48 4.66 11.41 -25.42
C MET B 48 5.94 12.04 -24.90
N LEU B 49 6.82 12.46 -25.80
CA LEU B 49 8.14 12.96 -25.43
C LEU B 49 8.31 14.45 -25.73
N GLY B 50 7.21 15.18 -25.88
CA GLY B 50 7.29 16.62 -26.13
C GLY B 50 7.98 16.96 -27.43
N GLY B 51 7.82 16.15 -28.46
CA GLY B 51 8.46 16.40 -29.74
C GLY B 51 9.86 15.88 -29.88
N TYR B 52 10.18 14.76 -29.25
CA TYR B 52 11.50 14.14 -29.33
C TYR B 52 11.38 12.66 -29.63
N GLY B 53 10.43 12.28 -30.49
CA GLY B 53 10.23 10.89 -30.82
C GLY B 53 11.39 10.23 -31.52
N HIS B 54 12.36 11.00 -32.00
CA HIS B 54 13.53 10.43 -32.67
C HIS B 54 14.47 9.74 -31.70
N ILE B 55 14.37 10.03 -30.40
CA ILE B 55 15.25 9.40 -29.40
C ILE B 55 14.65 8.15 -28.79
N SER B 56 13.43 7.76 -29.19
CA SER B 56 12.79 6.61 -28.57
C SER B 56 13.61 5.34 -28.75
N SER B 57 14.09 5.10 -29.97
CA SER B 57 14.87 3.89 -30.22
CA SER B 57 14.87 3.89 -30.22
C SER B 57 16.19 3.91 -29.46
N ILE B 58 16.76 5.10 -29.22
CA ILE B 58 17.97 5.21 -28.42
C ILE B 58 17.70 4.79 -26.99
N ASP B 59 16.56 5.23 -26.44
CA ASP B 59 16.18 4.89 -25.08
C ASP B 59 15.97 3.38 -24.92
N ILE B 60 15.15 2.79 -25.79
CA ILE B 60 14.70 1.40 -25.61
C ILE B 60 15.88 0.45 -25.52
N ASN B 61 16.87 0.60 -26.41
CA ASN B 61 17.95 -0.37 -26.47
C ASN B 61 18.83 -0.30 -25.22
N SER B 62 19.08 0.90 -24.70
CA SER B 62 19.87 1.03 -23.47
C SER B 62 19.06 0.61 -22.25
N SER B 63 17.76 0.95 -22.21
CA SER B 63 16.90 0.43 -21.15
C SER B 63 16.85 -1.09 -21.18
N ARG B 64 16.96 -1.68 -22.37
CA ARG B 64 17.05 -3.13 -22.48
C ARG B 64 18.34 -3.65 -21.85
N LYS B 65 19.45 -2.94 -22.09
CA LYS B 65 20.73 -3.35 -21.54
C LYS B 65 20.75 -3.18 -20.02
N PHE B 66 20.32 -2.01 -19.53
CA PHE B 66 20.27 -1.78 -18.09
C PHE B 66 19.33 -2.77 -17.40
N LEU B 67 18.31 -3.26 -18.10
CA LEU B 67 17.37 -4.20 -17.51
C LEU B 67 17.80 -5.65 -17.67
N GLN B 68 18.58 -5.96 -18.71
CA GLN B 68 19.03 -7.33 -18.91
C GLN B 68 19.98 -7.77 -17.80
N ARG B 69 20.67 -6.82 -17.17
CA ARG B 69 21.59 -7.12 -16.08
C ARG B 69 20.90 -7.89 -14.95
N PHE B 70 19.61 -7.64 -14.73
CA PHE B 70 18.89 -8.29 -13.65
C PHE B 70 17.99 -9.42 -14.12
N LEU B 71 17.64 -9.45 -15.41
CA LEU B 71 16.83 -10.54 -15.93
C LEU B 71 17.68 -11.69 -16.46
N ARG B 72 18.85 -11.38 -17.03
CA ARG B 72 19.76 -12.38 -17.59
C ARG B 72 20.62 -12.99 -16.48
N GLU B 73 19.97 -13.76 -15.63
CA GLU B 73 20.67 -14.53 -14.59
C GLU B 73 21.50 -13.71 -13.62
N GLY B 74 21.98 -14.38 -12.58
CA GLY B 74 22.75 -13.79 -11.51
C GLY B 74 22.55 -14.64 -10.28
N PRO B 75 22.98 -14.17 -9.13
CA PRO B 75 22.69 -14.91 -7.90
C PRO B 75 21.18 -14.90 -7.68
N ASN B 76 20.59 -13.71 -7.80
CA ASN B 76 19.17 -13.46 -7.61
C ASN B 76 18.60 -12.86 -8.89
N LYS B 77 18.30 -13.71 -9.86
CA LYS B 77 17.79 -13.25 -11.15
C LYS B 77 16.35 -12.79 -11.04
N THR B 78 16.06 -11.64 -11.65
CA THR B 78 14.70 -11.09 -11.64
C THR B 78 13.84 -11.81 -12.66
N GLY B 79 12.61 -12.13 -12.26
CA GLY B 79 11.72 -12.88 -13.13
C GLY B 79 11.22 -12.08 -14.31
N THR B 80 10.56 -12.81 -15.23
CA THR B 80 10.02 -12.21 -16.45
C THR B 80 8.54 -12.55 -16.62
N SER B 81 7.83 -12.79 -15.51
CA SER B 81 6.44 -13.21 -15.61
C SER B 81 5.50 -12.03 -15.89
N CYS B 82 5.71 -10.91 -15.19
CA CYS B 82 4.82 -9.77 -15.31
C CYS B 82 5.56 -8.49 -14.98
N ALA B 83 5.13 -7.40 -15.59
CA ALA B 83 5.74 -6.08 -15.38
C ALA B 83 4.66 -5.02 -15.37
N LEU B 84 5.01 -3.86 -14.81
CA LEU B 84 4.07 -2.75 -14.66
C LEU B 84 4.72 -1.48 -15.18
N ASP B 85 4.04 -0.81 -16.12
CA ASP B 85 4.49 0.47 -16.66
C ASP B 85 3.73 1.60 -15.98
N CYS B 86 4.46 2.51 -15.36
CA CYS B 86 3.88 3.68 -14.72
C CYS B 86 4.09 4.89 -15.62
N GLY B 87 3.01 5.60 -15.91
CA GLY B 87 3.03 6.59 -16.97
C GLY B 87 2.53 6.00 -18.26
N ALA B 88 3.33 5.12 -18.87
CA ALA B 88 2.90 4.31 -20.02
C ALA B 88 2.46 5.17 -21.20
N GLY B 89 1.45 6.00 -21.01
CA GLY B 89 0.92 6.73 -22.15
C GLY B 89 0.19 5.78 -23.07
N ILE B 90 0.53 5.82 -24.36
CA ILE B 90 -0.03 4.91 -25.36
C ILE B 90 0.66 3.56 -25.41
N GLY B 91 1.61 3.32 -24.52
CA GLY B 91 2.32 2.07 -24.48
C GLY B 91 3.60 2.04 -25.27
N ARG B 92 4.28 3.19 -25.40
CA ARG B 92 5.58 3.21 -26.07
C ARG B 92 6.52 2.22 -25.41
N ILE B 93 6.68 2.34 -24.09
CA ILE B 93 7.44 1.38 -23.30
C ILE B 93 6.45 0.30 -22.86
N THR B 94 6.30 -0.73 -23.68
CA THR B 94 5.46 -1.90 -23.42
C THR B 94 5.48 -2.71 -24.71
N LYS B 95 5.46 -1.99 -25.84
CA LYS B 95 5.54 -2.62 -27.14
C LYS B 95 6.98 -3.04 -27.44
N ARG B 96 7.92 -2.14 -27.19
CA ARG B 96 9.32 -2.35 -27.56
C ARG B 96 10.11 -3.06 -26.45
N LEU B 97 9.83 -2.76 -25.19
CA LEU B 97 10.64 -3.26 -24.08
C LEU B 97 9.95 -4.31 -23.23
N LEU B 98 8.71 -4.08 -22.80
CA LEU B 98 8.12 -4.92 -21.77
C LEU B 98 7.49 -6.19 -22.35
N LEU B 99 6.59 -6.06 -23.32
CA LEU B 99 6.00 -7.26 -23.92
C LEU B 99 7.02 -8.23 -24.52
N PRO B 100 8.11 -7.80 -25.16
CA PRO B 100 9.11 -8.78 -25.58
C PRO B 100 9.76 -9.53 -24.43
N LEU B 101 9.90 -8.91 -23.26
CA LEU B 101 10.64 -9.51 -22.16
C LEU B 101 9.75 -10.17 -21.11
N PHE B 102 8.52 -9.71 -20.96
CA PHE B 102 7.62 -10.25 -19.94
C PHE B 102 6.38 -10.83 -20.61
N ARG B 103 5.77 -11.81 -19.92
CA ARG B 103 4.57 -12.45 -20.48
C ARG B 103 3.40 -11.48 -20.49
N GLU B 104 3.07 -10.92 -19.33
CA GLU B 104 1.98 -9.97 -19.17
C GLU B 104 2.54 -8.65 -18.68
N VAL B 105 1.87 -7.56 -19.05
CA VAL B 105 2.24 -6.21 -18.63
C VAL B 105 0.99 -5.43 -18.29
N ASP B 106 1.03 -4.71 -17.17
CA ASP B 106 -0.05 -3.80 -16.79
C ASP B 106 0.37 -2.36 -17.04
N MET B 107 -0.62 -1.53 -17.37
CA MET B 107 -0.40 -0.12 -17.68
C MET B 107 -1.25 0.76 -16.79
N VAL B 108 -0.72 1.92 -16.44
CA VAL B 108 -1.43 2.90 -15.62
C VAL B 108 -1.09 4.29 -16.13
N ASP B 109 -2.12 5.14 -16.25
CA ASP B 109 -1.95 6.50 -16.73
C ASP B 109 -3.16 7.31 -16.27
N ILE B 110 -3.01 8.63 -16.28
CA ILE B 110 -4.07 9.51 -15.80
C ILE B 110 -4.94 10.07 -16.92
N THR B 111 -4.49 10.05 -18.17
CA THR B 111 -5.22 10.61 -19.29
C THR B 111 -5.82 9.46 -20.09
N GLU B 112 -7.15 9.32 -20.01
CA GLU B 112 -7.83 8.15 -20.57
C GLU B 112 -7.60 8.00 -22.07
N ASP B 113 -7.47 9.11 -22.80
CA ASP B 113 -7.31 9.02 -24.26
C ASP B 113 -6.12 8.15 -24.65
N PHE B 114 -5.01 8.27 -23.93
CA PHE B 114 -3.81 7.51 -24.29
C PHE B 114 -4.01 6.02 -24.07
N LEU B 115 -4.71 5.63 -22.99
CA LEU B 115 -4.95 4.22 -22.73
C LEU B 115 -5.89 3.62 -23.77
N VAL B 116 -6.90 4.38 -24.20
CA VAL B 116 -7.78 3.91 -25.27
C VAL B 116 -6.97 3.73 -26.56
N GLN B 117 -6.16 4.72 -26.90
CA GLN B 117 -5.31 4.64 -28.08
C GLN B 117 -4.24 3.58 -27.94
N ALA B 118 -3.94 3.14 -26.73
CA ALA B 118 -2.93 2.11 -26.51
C ALA B 118 -3.35 0.78 -27.12
N LYS B 119 -4.64 0.43 -27.01
CA LYS B 119 -5.11 -0.84 -27.54
CA LYS B 119 -5.11 -0.84 -27.54
C LYS B 119 -4.94 -0.93 -29.06
N THR B 120 -4.76 0.21 -29.73
CA THR B 120 -4.52 0.26 -31.17
C THR B 120 -3.04 0.30 -31.50
N TYR B 121 -2.27 1.14 -30.80
CA TYR B 121 -0.84 1.28 -31.07
C TYR B 121 -0.10 -0.02 -30.81
N LEU B 122 -0.48 -0.75 -29.76
CA LEU B 122 0.24 -1.97 -29.40
C LEU B 122 0.01 -3.07 -30.43
N GLY B 123 -1.22 -3.24 -30.89
CA GLY B 123 -1.51 -4.18 -31.95
C GLY B 123 -1.78 -5.60 -31.47
N GLU B 124 -1.28 -6.58 -32.24
CA GLU B 124 -1.54 -7.98 -31.91
C GLU B 124 -0.92 -8.36 -30.57
N GLU B 125 0.26 -7.83 -30.26
CA GLU B 125 0.91 -8.15 -29.00
C GLU B 125 0.24 -7.47 -27.82
N GLY B 126 -0.48 -6.37 -28.05
CA GLY B 126 -1.21 -5.70 -26.99
C GLY B 126 -2.23 -6.55 -26.27
N LYS B 127 -2.60 -7.71 -26.83
CA LYS B 127 -3.53 -8.61 -26.16
C LYS B 127 -2.93 -9.23 -24.90
N ARG B 128 -1.60 -9.23 -24.77
CA ARG B 128 -0.97 -9.74 -23.56
C ARG B 128 -0.94 -8.70 -22.45
N VAL B 129 -1.25 -7.44 -22.75
CA VAL B 129 -1.44 -6.44 -21.72
C VAL B 129 -2.66 -6.81 -20.90
N ARG B 130 -2.46 -7.12 -19.62
CA ARG B 130 -3.54 -7.68 -18.82
C ARG B 130 -4.53 -6.62 -18.36
N ASN B 131 -4.04 -5.49 -17.84
CA ASN B 131 -4.90 -4.47 -17.28
C ASN B 131 -4.50 -3.08 -17.76
N TYR B 132 -5.51 -2.23 -17.89
CA TYR B 132 -5.33 -0.80 -18.14
C TYR B 132 -5.93 -0.05 -16.97
N PHE B 133 -5.09 0.65 -16.21
CA PHE B 133 -5.55 1.43 -15.07
C PHE B 133 -5.54 2.91 -15.43
N CYS B 134 -6.64 3.61 -15.12
CA CYS B 134 -6.79 5.02 -15.46
C CYS B 134 -6.96 5.84 -14.18
N CYS B 135 -5.85 6.29 -13.61
CA CYS B 135 -5.83 7.18 -12.46
C CYS B 135 -4.40 7.64 -12.23
N GLY B 136 -4.26 8.68 -11.40
CA GLY B 136 -2.94 9.20 -11.11
C GLY B 136 -2.17 8.30 -10.15
N LEU B 137 -0.84 8.40 -10.22
CA LEU B 137 0.02 7.61 -9.36
C LEU B 137 -0.21 7.92 -7.88
N GLN B 138 -0.53 9.18 -7.56
CA GLN B 138 -0.78 9.57 -6.19
C GLN B 138 -1.98 8.86 -5.58
N ASP B 139 -2.83 8.24 -6.40
CA ASP B 139 -3.98 7.49 -5.92
C ASP B 139 -3.89 6.00 -6.23
N PHE B 140 -2.90 5.56 -7.00
CA PHE B 140 -2.81 4.18 -7.44
C PHE B 140 -2.10 3.31 -6.40
N THR B 141 -2.65 2.14 -6.16
CA THR B 141 -2.10 1.17 -5.22
C THR B 141 -1.95 -0.16 -5.95
N PRO B 142 -0.75 -0.48 -6.43
CA PRO B 142 -0.57 -1.72 -7.19
C PRO B 142 -0.86 -2.97 -6.37
N GLU B 143 -1.24 -4.04 -7.06
CA GLU B 143 -1.49 -5.31 -6.40
C GLU B 143 -0.21 -5.84 -5.78
N PRO B 144 -0.31 -6.56 -4.66
CA PRO B 144 0.89 -7.06 -3.99
C PRO B 144 1.39 -8.35 -4.62
N ASP B 145 2.70 -8.53 -4.58
CA ASP B 145 3.34 -9.76 -5.03
C ASP B 145 2.92 -10.10 -6.46
N SER B 146 2.95 -9.09 -7.32
CA SER B 146 2.36 -9.19 -8.65
C SER B 146 3.35 -8.95 -9.78
N TYR B 147 4.27 -8.01 -9.63
CA TYR B 147 5.14 -7.59 -10.72
C TYR B 147 6.59 -7.96 -10.42
N ASP B 148 7.31 -8.35 -11.46
CA ASP B 148 8.75 -8.57 -11.37
C ASP B 148 9.54 -7.29 -11.59
N VAL B 149 8.99 -6.37 -12.37
CA VAL B 149 9.61 -5.08 -12.63
C VAL B 149 8.51 -4.02 -12.64
N ILE B 150 8.76 -2.91 -11.95
CA ILE B 150 7.84 -1.77 -11.93
C ILE B 150 8.59 -0.62 -12.59
N TRP B 151 8.27 -0.36 -13.86
CA TRP B 151 8.99 0.65 -14.62
C TRP B 151 8.29 2.00 -14.47
N ILE B 152 9.04 3.01 -14.06
CA ILE B 152 8.53 4.35 -13.82
C ILE B 152 9.43 5.28 -14.62
N GLN B 153 8.97 5.70 -15.80
CA GLN B 153 9.80 6.50 -16.70
C GLN B 153 9.07 7.77 -17.09
N TRP B 154 9.73 8.91 -16.87
CA TRP B 154 9.29 10.23 -17.33
C TRP B 154 7.86 10.53 -16.87
N VAL B 155 7.72 10.73 -15.56
CA VAL B 155 6.42 10.98 -14.97
C VAL B 155 6.56 11.45 -13.51
N ILE B 156 7.73 11.21 -12.91
CA ILE B 156 7.89 11.55 -11.49
C ILE B 156 7.85 13.06 -11.27
N GLY B 157 8.09 13.86 -12.31
CA GLY B 157 8.01 15.30 -12.17
C GLY B 157 6.61 15.84 -11.96
N HIS B 158 5.59 15.00 -12.08
CA HIS B 158 4.21 15.41 -11.86
C HIS B 158 3.71 15.10 -10.46
N LEU B 159 4.53 14.44 -9.65
CA LEU B 159 4.16 14.10 -8.28
C LEU B 159 4.84 15.05 -7.30
N THR B 160 4.20 15.25 -6.16
CA THR B 160 4.82 16.00 -5.08
C THR B 160 5.90 15.15 -4.42
N ASP B 161 6.80 15.82 -3.71
CA ASP B 161 7.86 15.10 -2.99
C ASP B 161 7.27 14.08 -2.03
N GLN B 162 6.10 14.37 -1.48
CA GLN B 162 5.47 13.45 -0.53
C GLN B 162 4.76 12.30 -1.25
N HIS B 163 4.08 12.60 -2.36
CA HIS B 163 3.38 11.53 -3.10
C HIS B 163 4.36 10.58 -3.76
N LEU B 164 5.49 11.09 -4.26
CA LEU B 164 6.48 10.23 -4.89
C LEU B 164 7.05 9.21 -3.91
N ALA B 165 7.30 9.63 -2.68
CA ALA B 165 7.79 8.70 -1.66
C ALA B 165 6.71 7.71 -1.24
N GLU B 166 5.47 8.18 -1.10
CA GLU B 166 4.36 7.31 -0.74
C GLU B 166 4.10 6.28 -1.82
N PHE B 167 4.17 6.68 -3.08
CA PHE B 167 3.95 5.74 -4.18
C PHE B 167 5.03 4.67 -4.20
N LEU B 168 6.30 5.09 -4.14
CA LEU B 168 7.40 4.13 -4.10
C LEU B 168 7.32 3.23 -2.88
N ARG B 169 6.80 3.75 -1.77
CA ARG B 169 6.59 2.92 -0.59
C ARG B 169 5.53 1.84 -0.85
N ARG B 170 4.45 2.19 -1.57
CA ARG B 170 3.43 1.21 -1.91
C ARG B 170 3.94 0.20 -2.93
N CYS B 171 4.77 0.65 -3.86
CA CYS B 171 5.30 -0.25 -4.89
C CYS B 171 6.18 -1.34 -4.29
N LYS B 172 6.86 -1.06 -3.18
CA LYS B 172 7.74 -2.05 -2.58
C LYS B 172 6.99 -3.33 -2.23
N GLY B 173 5.75 -3.22 -1.78
CA GLY B 173 4.96 -4.39 -1.47
C GLY B 173 4.39 -5.10 -2.68
N SER B 174 4.50 -4.51 -3.86
CA SER B 174 4.01 -5.10 -5.09
C SER B 174 5.05 -5.93 -5.83
N LEU B 175 6.30 -5.91 -5.38
CA LEU B 175 7.36 -6.65 -6.05
C LEU B 175 7.28 -8.14 -5.75
N ARG B 176 7.58 -8.95 -6.76
CA ARG B 176 7.77 -10.38 -6.60
C ARG B 176 9.18 -10.64 -6.07
N PRO B 177 9.47 -11.86 -5.61
CA PRO B 177 10.84 -12.19 -5.21
C PRO B 177 11.83 -11.87 -6.30
N ASN B 178 12.93 -11.21 -5.91
CA ASN B 178 13.98 -10.68 -6.79
C ASN B 178 13.48 -9.56 -7.67
N GLY B 179 12.24 -9.11 -7.51
CA GLY B 179 11.73 -8.04 -8.33
C GLY B 179 12.41 -6.72 -8.00
N ILE B 180 12.41 -5.82 -8.98
CA ILE B 180 13.06 -4.52 -8.84
C ILE B 180 12.09 -3.41 -9.23
N ILE B 181 12.43 -2.20 -8.81
CA ILE B 181 11.76 -0.98 -9.24
C ILE B 181 12.77 -0.15 -10.00
N VAL B 182 12.38 0.32 -11.18
CA VAL B 182 13.27 1.07 -12.06
C VAL B 182 12.69 2.47 -12.23
N ILE B 183 13.53 3.47 -11.98
CA ILE B 183 13.15 4.87 -12.15
C ILE B 183 14.10 5.46 -13.19
N LYS B 184 13.52 5.89 -14.32
CA LYS B 184 14.31 6.49 -15.40
C LYS B 184 13.61 7.80 -15.77
N ASP B 185 14.12 8.91 -15.26
CA ASP B 185 13.47 10.19 -15.46
C ASP B 185 14.54 11.27 -15.53
N ASN B 186 14.09 12.51 -15.63
CA ASN B 186 14.99 13.64 -15.84
C ASN B 186 15.53 14.14 -14.51
N MET B 187 16.81 14.52 -14.52
CA MET B 187 17.48 15.04 -13.34
C MET B 187 18.07 16.40 -13.67
N ALA B 188 17.77 17.39 -12.83
CA ALA B 188 18.34 18.71 -13.00
C ALA B 188 19.75 18.73 -12.41
N GLN B 189 20.56 19.67 -12.87
CA GLN B 189 21.94 19.72 -12.39
C GLN B 189 21.99 20.24 -10.96
N GLU B 190 21.16 21.23 -10.62
CA GLU B 190 21.18 21.82 -9.29
C GLU B 190 19.83 22.48 -9.02
N GLY B 191 19.06 21.90 -8.11
CA GLY B 191 17.83 22.51 -7.64
C GLY B 191 16.60 21.91 -8.29
N VAL B 192 15.45 22.42 -7.85
CA VAL B 192 14.16 22.03 -8.37
C VAL B 192 13.69 23.10 -9.34
N ILE B 193 13.42 22.69 -10.59
CA ILE B 193 12.93 23.59 -11.62
C ILE B 193 11.44 23.37 -11.77
N LEU B 194 10.65 24.40 -11.55
CA LEU B 194 9.21 24.31 -11.74
C LEU B 194 8.98 24.64 -13.22
N ASP B 195 8.40 23.69 -13.93
CA ASP B 195 8.11 23.86 -15.36
C ASP B 195 6.61 24.05 -15.49
N ASP B 196 6.19 25.31 -15.53
CA ASP B 196 4.79 25.69 -15.63
CA ASP B 196 4.79 25.68 -15.63
C ASP B 196 4.22 25.50 -17.03
N VAL B 197 5.04 25.07 -18.00
CA VAL B 197 4.53 24.80 -19.33
C VAL B 197 3.62 23.57 -19.29
N ASP B 198 4.09 22.47 -18.69
CA ASP B 198 3.31 21.26 -18.51
C ASP B 198 3.09 20.91 -17.04
N SER B 199 3.34 21.86 -16.13
CA SER B 199 3.14 21.68 -14.69
C SER B 199 3.89 20.46 -14.15
N SER B 200 5.21 20.58 -14.17
CA SER B 200 6.08 19.53 -13.66
C SER B 200 7.34 20.14 -13.05
N VAL B 201 7.91 19.45 -12.06
CA VAL B 201 9.16 19.85 -11.43
C VAL B 201 10.24 18.84 -11.76
N CYS B 202 11.46 19.34 -11.99
CA CYS B 202 12.63 18.49 -12.16
C CYS B 202 13.57 18.68 -10.97
N ARG B 203 14.09 17.59 -10.44
CA ARG B 203 14.92 17.60 -9.25
C ARG B 203 16.34 17.17 -9.59
N ASP B 204 17.25 17.43 -8.65
CA ASP B 204 18.63 16.95 -8.78
C ASP B 204 18.79 15.65 -8.00
N LEU B 205 19.89 14.96 -8.28
CA LEU B 205 20.14 13.64 -7.70
C LEU B 205 19.96 13.62 -6.19
N ASP B 206 20.32 14.71 -5.50
CA ASP B 206 20.25 14.72 -4.04
C ASP B 206 18.81 14.68 -3.54
N VAL B 207 17.97 15.58 -4.05
CA VAL B 207 16.57 15.61 -3.62
C VAL B 207 15.87 14.32 -3.99
N VAL B 208 16.18 13.77 -5.16
CA VAL B 208 15.57 12.51 -5.59
C VAL B 208 16.02 11.37 -4.69
N ARG B 209 17.33 11.23 -4.48
CA ARG B 209 17.81 10.11 -3.68
C ARG B 209 17.33 10.21 -2.24
N ARG B 210 17.14 11.42 -1.72
CA ARG B 210 16.55 11.57 -0.40
C ARG B 210 15.13 11.01 -0.38
N ILE B 211 14.34 11.30 -1.40
CA ILE B 211 12.98 10.77 -1.48
C ILE B 211 13.00 9.25 -1.63
N ILE B 212 13.92 8.72 -2.46
CA ILE B 212 14.02 7.28 -2.67
C ILE B 212 14.32 6.57 -1.36
N CYS B 213 15.37 7.03 -0.65
CA CYS B 213 15.76 6.36 0.59
C CYS B 213 14.70 6.47 1.67
N SER B 214 13.88 7.52 1.64
CA SER B 214 12.83 7.67 2.64
C SER B 214 11.70 6.68 2.43
N ALA B 215 11.64 6.02 1.28
CA ALA B 215 10.65 4.98 1.02
C ALA B 215 11.10 3.60 1.50
N GLY B 216 12.33 3.47 1.95
CA GLY B 216 12.82 2.19 2.43
C GLY B 216 13.40 1.28 1.38
N LEU B 217 13.96 1.83 0.31
CA LEU B 217 14.48 1.03 -0.80
C LEU B 217 16.00 1.12 -0.84
N SER B 218 16.61 0.08 -1.40
CA SER B 218 18.05 -0.01 -1.56
C SER B 218 18.42 0.26 -3.01
N LEU B 219 19.55 0.93 -3.20
CA LEU B 219 20.07 1.18 -4.55
C LEU B 219 20.79 -0.08 -5.03
N LEU B 220 20.38 -0.59 -6.19
CA LEU B 220 21.02 -1.75 -6.78
C LEU B 220 21.95 -1.39 -7.93
N ALA B 221 21.60 -0.36 -8.71
CA ALA B 221 22.41 0.08 -9.82
C ALA B 221 22.03 1.53 -10.13
N GLU B 222 23.02 2.29 -10.60
CA GLU B 222 22.80 3.68 -10.99
C GLU B 222 23.62 3.96 -12.23
N GLU B 223 22.94 4.37 -13.30
CA GLU B 223 23.58 4.58 -14.59
C GLU B 223 23.01 5.83 -15.24
N ARG B 224 23.84 6.53 -16.01
CA ARG B 224 23.44 7.74 -16.71
C ARG B 224 23.31 7.42 -18.19
N GLN B 225 22.16 7.76 -18.77
CA GLN B 225 21.94 7.53 -20.18
C GLN B 225 22.67 8.58 -21.01
N GLU B 226 23.53 8.12 -21.92
CA GLU B 226 24.19 8.98 -22.88
C GLU B 226 23.56 8.78 -24.26
N ASN B 227 24.27 9.28 -25.29
CA ASN B 227 23.80 9.22 -26.68
C ASN B 227 22.44 9.90 -26.83
N LEU B 228 22.34 11.11 -26.28
CA LEU B 228 21.14 11.92 -26.34
C LEU B 228 21.52 13.37 -26.60
N PRO B 229 20.63 14.14 -27.22
CA PRO B 229 20.91 15.57 -27.41
C PRO B 229 21.16 16.28 -26.09
N ASP B 230 22.05 17.26 -26.11
CA ASP B 230 22.50 17.94 -24.89
C ASP B 230 21.57 19.04 -24.41
N GLU B 231 20.45 19.29 -25.08
CA GLU B 231 19.55 20.36 -24.66
C GLU B 231 18.56 19.94 -23.59
N ILE B 232 18.23 18.65 -23.51
CA ILE B 232 17.27 18.15 -22.53
C ILE B 232 17.98 17.90 -21.20
N TYR B 233 17.20 17.64 -20.16
CA TYR B 233 17.77 17.42 -18.84
C TYR B 233 18.60 16.13 -18.83
N HIS B 234 19.37 15.95 -17.76
CA HIS B 234 20.10 14.71 -17.56
C HIS B 234 19.15 13.58 -17.22
N VAL B 235 19.44 12.39 -17.74
CA VAL B 235 18.60 11.21 -17.58
C VAL B 235 19.39 10.17 -16.82
N TYR B 236 18.83 9.69 -15.70
CA TYR B 236 19.44 8.64 -14.90
C TYR B 236 18.48 7.50 -14.72
N SER B 237 19.03 6.29 -14.60
CA SER B 237 18.24 5.10 -14.32
C SER B 237 18.66 4.54 -12.98
N PHE B 238 17.69 4.23 -12.13
CA PHE B 238 17.94 3.66 -10.81
C PHE B 238 17.24 2.32 -10.71
N ALA B 239 17.95 1.31 -10.24
CA ALA B 239 17.38 -0.01 -9.97
C ALA B 239 17.27 -0.16 -8.46
N LEU B 240 16.04 -0.37 -7.99
CA LEU B 240 15.73 -0.37 -6.57
C LEU B 240 14.95 -1.62 -6.22
N ARG B 241 15.03 -2.02 -4.95
CA ARG B 241 14.19 -3.08 -4.42
C ARG B 241 14.18 -3.03 -2.89
#